data_1JHK
#
_entry.id   1JHK
#
_cell.length_a   48.267
_cell.length_b   64.456
_cell.length_c   165.702
_cell.angle_alpha   90.00
_cell.angle_beta   90.00
_cell.angle_gamma   90.00
#
_symmetry.space_group_name_H-M   'P 21 21 21'
#
loop_
_entity.id
_entity.type
_entity.pdbx_description
1 polymer 'Ig kappa-chain'
2 polymer 'Ig gamma-1-chain'
3 water water
#
loop_
_entity_poly.entity_id
_entity_poly.type
_entity_poly.pdbx_seq_one_letter_code
_entity_poly.pdbx_strand_id
1 'polypeptide(L)'
;DIQMTQSPASLSASVGETVTITCRASGNIHNYLAWYQQKQGKSPQLLVYNAKTLADGVPSRFSGSGSGTQYSLKINSLQP
EDFGTYYCHHFWSTPWTFGGGTKLEVKRADAAPTVSIFPPSSEQLTSGGASVVCFLNNFYPKDINVKWKIDGSERQNGVL
NSWTDQDSKDSTYSMSSTLTLTKDEYERHNSYTCEATHKTSTSPIVKSFNRNEC
;
L
2 'polypeptide(L)'
;QIQLVQSGPELKKPGETVRISCKASDYSFMTSGMQWVQQMPGKGLKWIGWLNTQSGVPEYAEDFKGRFAFSLETSATTAY
LQINNLKNEDTATYFCATWGGNSAYWGQGTTLTVSSAKTTPPSVYPLAPGSAAQTNSMVTLGCLVKGYFPEPVTVTWNSG
SLSSGVHTFPAVLQSDLYTLSSSVTVPSSTWPSETVTCNVAHPASSTKVDKKIVPRDC
;
H
#
# COMPACT_ATOMS: atom_id res chain seq x y z
N ASP A 1 -23.68 12.96 15.06
CA ASP A 1 -22.56 12.57 14.16
C ASP A 1 -21.95 13.78 13.46
N ILE A 2 -20.75 14.16 13.89
CA ILE A 2 -20.05 15.27 13.27
C ILE A 2 -19.01 14.70 12.30
N GLN A 3 -19.15 15.02 11.02
CA GLN A 3 -18.23 14.53 10.00
C GLN A 3 -17.15 15.56 9.74
N MET A 4 -16.02 15.10 9.23
CA MET A 4 -14.89 15.97 8.93
C MET A 4 -14.63 15.95 7.44
N THR A 5 -14.57 17.14 6.84
CA THR A 5 -14.31 17.23 5.42
C THR A 5 -12.90 17.77 5.28
N GLN A 6 -12.01 16.93 4.79
CA GLN A 6 -10.61 17.29 4.63
C GLN A 6 -10.21 17.54 3.18
N SER A 7 -9.48 18.62 2.96
CA SER A 7 -9.01 18.96 1.63
C SER A 7 -7.63 19.62 1.68
N PRO A 8 -6.83 19.48 0.60
CA PRO A 8 -7.20 18.74 -0.61
C PRO A 8 -6.92 17.26 -0.37
N ALA A 9 -7.36 16.41 -1.30
CA ALA A 9 -7.13 14.97 -1.14
C ALA A 9 -5.69 14.69 -1.52
N SER A 10 -5.19 15.46 -2.48
CA SER A 10 -3.83 15.30 -2.96
C SER A 10 -3.12 16.65 -2.96
N LEU A 11 -1.81 16.61 -2.74
CA LEU A 11 -1.01 17.83 -2.70
C LEU A 11 0.41 17.49 -3.15
N SER A 12 0.97 18.35 -3.99
CA SER A 12 2.34 18.18 -4.46
C SER A 12 3.14 19.39 -4.10
N ALA A 13 4.27 19.17 -3.44
CA ALA A 13 5.10 20.28 -3.06
C ALA A 13 6.53 19.77 -3.09
N SER A 14 7.47 20.69 -2.92
CA SER A 14 8.87 20.31 -2.92
C SER A 14 9.49 20.70 -1.59
N VAL A 15 10.61 20.08 -1.31
CA VAL A 15 11.34 20.36 -0.08
C VAL A 15 11.61 21.86 -0.02
N GLY A 16 11.26 22.48 1.10
CA GLY A 16 11.47 23.91 1.26
C GLY A 16 10.22 24.76 1.16
N GLU A 17 9.17 24.23 0.53
CA GLU A 17 7.93 24.97 0.38
C GLU A 17 7.00 24.76 1.54
N THR A 18 5.89 25.48 1.53
CA THR A 18 4.90 25.42 2.59
C THR A 18 3.55 24.98 2.04
N VAL A 19 2.89 24.08 2.76
CA VAL A 19 1.56 23.60 2.36
C VAL A 19 0.61 23.75 3.54
N THR A 20 -0.67 23.85 3.24
CA THR A 20 -1.68 23.99 4.28
C THR A 20 -2.74 22.95 4.02
N ILE A 21 -3.14 22.25 5.05
CA ILE A 21 -4.15 21.20 4.95
C ILE A 21 -5.35 21.62 5.81
N THR A 22 -6.55 21.55 5.26
CA THR A 22 -7.72 21.96 6.01
C THR A 22 -8.73 20.87 6.31
N CYS A 23 -9.39 21.01 7.45
CA CYS A 23 -10.44 20.11 7.87
C CYS A 23 -11.57 20.96 8.41
N ARG A 24 -12.79 20.65 7.98
CA ARG A 24 -13.95 21.39 8.46
C ARG A 24 -14.94 20.41 9.09
N ALA A 25 -15.44 20.76 10.26
CA ALA A 25 -16.39 19.93 10.98
C ALA A 25 -17.82 20.30 10.64
N SER A 26 -18.68 19.29 10.52
CA SER A 26 -20.09 19.51 10.20
C SER A 26 -20.79 20.12 11.42
N GLY A 27 -20.03 20.27 12.51
CA GLY A 27 -20.57 20.85 13.72
C GLY A 27 -19.44 21.33 14.61
N ASN A 28 -19.73 22.23 15.53
CA ASN A 28 -18.72 22.76 16.43
C ASN A 28 -18.08 21.65 17.24
N ILE A 29 -16.74 21.59 17.26
CA ILE A 29 -16.04 20.56 18.02
C ILE A 29 -15.14 21.15 19.08
N HIS A 30 -15.19 22.46 19.22
CA HIS A 30 -14.41 23.18 20.24
C HIS A 30 -12.94 22.81 20.39
N ASN A 31 -12.21 22.80 19.28
CA ASN A 31 -10.78 22.49 19.28
C ASN A 31 -10.37 21.06 19.64
N TYR A 32 -11.34 20.16 19.73
CA TYR A 32 -11.03 18.77 20.04
C TYR A 32 -10.66 18.08 18.73
N LEU A 33 -9.56 18.53 18.14
CA LEU A 33 -9.09 17.97 16.87
C LEU A 33 -7.65 17.51 16.97
N ALA A 34 -7.36 16.37 16.35
CA ALA A 34 -6.02 15.82 16.36
C ALA A 34 -5.52 15.62 14.94
N TRP A 35 -4.28 15.98 14.68
CA TRP A 35 -3.70 15.79 13.36
C TRP A 35 -2.72 14.63 13.39
N TYR A 36 -2.88 13.69 12.47
CA TYR A 36 -1.99 12.54 12.40
C TYR A 36 -1.22 12.45 11.09
N GLN A 37 -0.09 11.77 11.14
CA GLN A 37 0.75 11.54 9.97
C GLN A 37 0.95 10.04 9.86
N GLN A 38 0.84 9.51 8.65
CA GLN A 38 1.04 8.09 8.42
C GLN A 38 1.91 7.89 7.18
N LYS A 39 2.92 7.03 7.32
CA LYS A 39 3.83 6.73 6.23
C LYS A 39 3.79 5.23 5.92
N GLN A 40 3.88 4.89 4.64
CA GLN A 40 3.89 3.49 4.18
C GLN A 40 3.04 2.50 4.99
N GLY A 41 1.76 2.79 5.14
CA GLY A 41 0.86 1.90 5.87
C GLY A 41 1.20 1.67 7.34
N LYS A 42 2.35 2.17 7.77
CA LYS A 42 2.79 2.02 9.16
C LYS A 42 1.81 2.70 10.11
N SER A 43 2.13 2.69 11.39
CA SER A 43 1.25 3.30 12.38
C SER A 43 1.30 4.81 12.37
N PRO A 44 0.14 5.45 12.55
CA PRO A 44 0.02 6.91 12.56
C PRO A 44 0.81 7.54 13.71
N GLN A 45 1.32 8.74 13.48
CA GLN A 45 2.08 9.48 14.47
C GLN A 45 1.35 10.79 14.76
N LEU A 46 0.98 11.00 16.01
CA LEU A 46 0.27 12.21 16.39
C LEU A 46 1.18 13.42 16.15
N LEU A 47 0.64 14.45 15.52
CA LEU A 47 1.39 15.65 15.23
C LEU A 47 0.92 16.79 16.11
N VAL A 48 -0.39 17.00 16.14
CA VAL A 48 -1.01 18.07 16.92
C VAL A 48 -2.32 17.62 17.54
N TYR A 49 -2.55 18.05 18.78
CA TYR A 49 -3.79 17.70 19.47
C TYR A 49 -4.42 18.94 20.06
N ASN A 50 -5.74 18.91 20.21
CA ASN A 50 -6.50 20.05 20.73
C ASN A 50 -6.36 21.21 19.76
N ALA A 51 -6.16 20.88 18.50
CA ALA A 51 -6.07 21.84 17.40
C ALA A 51 -4.80 22.66 17.24
N LYS A 52 -4.21 23.11 18.34
CA LYS A 52 -3.02 23.96 18.25
C LYS A 52 -1.81 23.53 19.07
N THR A 53 -1.92 22.42 19.79
CA THR A 53 -0.80 21.98 20.61
C THR A 53 0.01 20.87 19.96
N LEU A 54 1.31 21.11 19.81
CA LEU A 54 2.21 20.13 19.21
C LEU A 54 2.45 18.96 20.14
N ALA A 55 2.45 17.75 19.57
CA ALA A 55 2.70 16.56 20.36
C ALA A 55 4.18 16.53 20.73
N ASP A 56 4.53 15.59 21.58
CA ASP A 56 5.91 15.45 22.03
C ASP A 56 6.83 15.11 20.85
N GLY A 57 7.93 15.84 20.75
CA GLY A 57 8.92 15.59 19.71
C GLY A 57 8.61 16.05 18.29
N VAL A 58 7.47 16.68 18.07
CA VAL A 58 7.10 17.12 16.73
C VAL A 58 7.82 18.42 16.36
N PRO A 59 8.49 18.44 15.21
CA PRO A 59 9.21 19.63 14.76
C PRO A 59 8.30 20.85 14.75
N SER A 60 8.88 22.01 15.00
CA SER A 60 8.12 23.27 15.01
C SER A 60 7.61 23.75 13.66
N ARG A 61 8.00 23.12 12.56
CA ARG A 61 7.51 23.60 11.28
C ARG A 61 6.06 23.19 11.14
N PHE A 62 5.60 22.38 12.08
CA PHE A 62 4.22 21.92 12.11
C PHE A 62 3.44 22.84 13.03
N SER A 63 2.24 23.22 12.61
CA SER A 63 1.42 24.08 13.44
C SER A 63 -0.03 23.94 13.01
N GLY A 64 -0.90 23.93 14.01
CA GLY A 64 -2.32 23.81 13.75
C GLY A 64 -3.00 25.06 14.24
N SER A 65 -4.12 25.40 13.63
CA SER A 65 -4.86 26.57 14.03
C SER A 65 -6.32 26.29 13.74
N GLY A 66 -7.19 27.23 14.10
CA GLY A 66 -8.60 27.05 13.84
C GLY A 66 -9.43 27.02 15.11
N SER A 67 -10.75 27.01 14.91
CA SER A 67 -11.71 26.98 16.01
C SER A 67 -13.10 26.72 15.44
N GLY A 68 -14.03 26.37 16.31
CA GLY A 68 -15.38 26.12 15.85
C GLY A 68 -15.43 24.92 14.93
N THR A 69 -15.64 25.15 13.64
CA THR A 69 -15.72 24.07 12.67
C THR A 69 -14.62 24.13 11.62
N GLN A 70 -13.77 25.16 11.69
CA GLN A 70 -12.70 25.28 10.71
C GLN A 70 -11.29 25.21 11.30
N TYR A 71 -10.52 24.25 10.81
CA TYR A 71 -9.17 24.04 11.29
C TYR A 71 -8.24 23.74 10.12
N SER A 72 -6.96 23.91 10.34
CA SER A 72 -5.99 23.63 9.30
C SER A 72 -4.64 23.34 9.92
N LEU A 73 -3.85 22.54 9.21
CA LEU A 73 -2.51 22.18 9.64
C LEU A 73 -1.58 22.80 8.63
N LYS A 74 -0.63 23.58 9.10
CA LYS A 74 0.33 24.21 8.22
C LYS A 74 1.70 23.59 8.39
N ILE A 75 2.36 23.28 7.27
CA ILE A 75 3.71 22.72 7.30
C ILE A 75 4.58 23.64 6.45
N ASN A 76 5.58 24.25 7.06
CA ASN A 76 6.45 25.15 6.31
C ASN A 76 7.87 24.62 6.23
N SER A 77 8.53 24.91 5.13
CA SER A 77 9.90 24.45 4.92
C SER A 77 9.87 22.93 4.99
N LEU A 78 9.11 22.32 4.10
CA LEU A 78 8.98 20.87 4.05
C LEU A 78 10.30 20.12 4.02
N GLN A 79 10.42 19.12 4.88
CA GLN A 79 11.58 18.26 4.94
C GLN A 79 11.19 16.98 4.19
N PRO A 80 12.17 16.24 3.68
CA PRO A 80 11.84 15.00 2.95
C PRO A 80 11.06 13.95 3.74
N GLU A 81 11.15 13.97 5.06
CA GLU A 81 10.39 12.97 5.85
C GLU A 81 8.97 13.42 6.13
N ASP A 82 8.64 14.63 5.68
CA ASP A 82 7.31 15.19 5.89
C ASP A 82 6.31 14.66 4.87
N PHE A 83 6.79 14.02 3.81
CA PHE A 83 5.87 13.51 2.80
C PHE A 83 5.25 12.17 3.19
N GLY A 84 3.93 12.13 3.11
CA GLY A 84 3.15 10.95 3.45
C GLY A 84 1.70 11.40 3.46
N THR A 85 0.85 10.68 4.18
CA THR A 85 -0.55 11.04 4.26
C THR A 85 -0.87 11.66 5.61
N TYR A 86 -1.82 12.60 5.62
CA TYR A 86 -2.23 13.26 6.84
C TYR A 86 -3.73 13.08 7.09
N TYR A 87 -4.11 13.07 8.36
CA TYR A 87 -5.50 12.89 8.73
C TYR A 87 -5.85 13.74 9.94
N CYS A 88 -7.07 14.27 9.95
CA CYS A 88 -7.53 15.03 11.11
C CYS A 88 -8.53 14.09 11.77
N HIS A 89 -8.64 14.20 13.08
CA HIS A 89 -9.51 13.32 13.84
C HIS A 89 -10.06 14.06 15.04
N HIS A 90 -11.36 14.34 15.05
CA HIS A 90 -11.95 15.05 16.18
C HIS A 90 -12.38 14.03 17.22
N PHE A 91 -12.58 14.50 18.44
CA PHE A 91 -12.98 13.64 19.54
C PHE A 91 -13.81 14.46 20.51
N TRP A 92 -14.73 15.24 19.94
CA TRP A 92 -15.61 16.08 20.74
C TRP A 92 -16.81 15.28 21.20
N SER A 93 -17.39 14.51 20.28
CA SER A 93 -18.54 13.68 20.57
C SER A 93 -18.47 12.45 19.69
N THR A 94 -18.93 11.32 20.24
CA THR A 94 -18.92 10.07 19.51
C THR A 94 -19.88 10.15 18.33
N PRO A 95 -19.47 9.61 17.16
CA PRO A 95 -18.20 8.95 16.90
C PRO A 95 -17.08 9.92 16.54
N TRP A 96 -15.87 9.66 17.04
CA TRP A 96 -14.71 10.50 16.73
C TRP A 96 -14.30 10.16 15.30
N THR A 97 -14.77 10.96 14.34
CA THR A 97 -14.50 10.71 12.93
C THR A 97 -13.20 11.28 12.39
N PHE A 98 -12.62 10.59 11.42
CA PHE A 98 -11.39 11.02 10.78
C PHE A 98 -11.70 11.76 9.50
N GLY A 99 -10.77 12.59 9.06
CA GLY A 99 -10.97 13.29 7.81
C GLY A 99 -10.68 12.26 6.73
N GLY A 100 -11.03 12.57 5.48
CA GLY A 100 -10.77 11.62 4.41
C GLY A 100 -9.31 11.42 4.11
N GLY A 101 -8.47 12.30 4.64
CA GLY A 101 -7.05 12.18 4.41
C GLY A 101 -6.51 13.03 3.27
N THR A 102 -5.22 13.34 3.33
CA THR A 102 -4.53 14.14 2.34
C THR A 102 -3.18 13.50 2.03
N LYS A 103 -2.97 13.13 0.78
CA LYS A 103 -1.71 12.52 0.37
C LYS A 103 -0.77 13.64 -0.11
N LEU A 104 0.31 13.87 0.61
CA LEU A 104 1.30 14.90 0.26
C LEU A 104 2.48 14.25 -0.46
N GLU A 105 2.59 14.47 -1.76
CA GLU A 105 3.65 13.85 -2.55
C GLU A 105 4.74 14.80 -3.03
N VAL A 106 5.92 14.25 -3.31
CA VAL A 106 7.05 15.05 -3.76
C VAL A 106 6.89 15.48 -5.21
N LYS A 107 7.21 16.74 -5.47
CA LYS A 107 7.16 17.32 -6.79
C LYS A 107 8.59 17.36 -7.31
N ARG A 108 8.79 16.78 -8.48
CA ARG A 108 10.10 16.75 -9.12
C ARG A 108 9.89 16.98 -10.60
N ALA A 109 10.97 16.93 -11.37
CA ALA A 109 10.88 17.15 -12.81
C ALA A 109 10.18 15.99 -13.50
N ASP A 110 9.62 16.27 -14.68
CA ASP A 110 8.95 15.25 -15.46
C ASP A 110 9.95 14.18 -15.88
N ALA A 111 9.48 12.93 -15.96
CA ALA A 111 10.34 11.83 -16.36
C ALA A 111 9.49 10.80 -17.10
N ALA A 112 9.90 10.46 -18.31
CA ALA A 112 9.18 9.49 -19.10
C ALA A 112 9.49 8.10 -18.57
N PRO A 113 8.51 7.19 -18.64
CA PRO A 113 8.74 5.83 -18.16
C PRO A 113 9.72 5.05 -19.01
N THR A 114 10.39 4.10 -18.37
CA THR A 114 11.33 3.21 -19.02
C THR A 114 10.56 1.91 -19.20
N VAL A 115 10.18 1.64 -20.43
CA VAL A 115 9.38 0.46 -20.75
C VAL A 115 10.15 -0.81 -21.07
N SER A 116 9.70 -1.92 -20.50
CA SER A 116 10.31 -3.22 -20.70
C SER A 116 9.18 -4.25 -20.89
N ILE A 117 9.26 -5.08 -21.92
CA ILE A 117 8.23 -6.09 -22.13
C ILE A 117 8.89 -7.45 -22.02
N PHE A 118 8.23 -8.38 -21.33
CA PHE A 118 8.78 -9.71 -21.12
C PHE A 118 7.85 -10.81 -21.59
N PRO A 119 8.30 -11.62 -22.56
CA PRO A 119 7.50 -12.72 -23.10
C PRO A 119 7.24 -13.74 -22.00
N PRO A 120 6.28 -14.66 -22.23
CA PRO A 120 6.00 -15.67 -21.21
C PRO A 120 7.26 -16.53 -21.04
N SER A 121 7.50 -17.02 -19.83
CA SER A 121 8.68 -17.85 -19.57
C SER A 121 8.45 -19.27 -20.07
N SER A 122 9.53 -20.04 -20.17
CA SER A 122 9.44 -21.44 -20.60
C SER A 122 8.61 -22.22 -19.60
N GLU A 123 8.97 -22.10 -18.33
CA GLU A 123 8.29 -22.81 -17.28
C GLU A 123 6.78 -22.63 -17.37
N GLN A 124 6.33 -21.37 -17.48
CA GLN A 124 4.89 -21.13 -17.55
C GLN A 124 4.21 -21.69 -18.79
N LEU A 125 4.82 -21.51 -19.96
CA LEU A 125 4.25 -22.02 -21.20
C LEU A 125 4.09 -23.53 -21.10
N THR A 126 5.07 -24.17 -20.47
CA THR A 126 5.05 -25.62 -20.26
C THR A 126 3.77 -26.01 -19.49
N SER A 127 3.37 -25.16 -18.54
CA SER A 127 2.18 -25.43 -17.73
C SER A 127 0.89 -25.03 -18.43
N GLY A 128 0.99 -24.52 -19.65
CA GLY A 128 -0.21 -24.15 -20.37
C GLY A 128 -0.62 -22.69 -20.26
N GLY A 129 0.15 -21.91 -19.51
CA GLY A 129 -0.17 -20.50 -19.35
C GLY A 129 0.75 -19.60 -20.13
N ALA A 130 0.36 -18.33 -20.28
CA ALA A 130 1.17 -17.36 -20.99
C ALA A 130 0.83 -15.95 -20.55
N SER A 131 1.59 -15.46 -19.58
CA SER A 131 1.38 -14.10 -19.07
C SER A 131 2.45 -13.22 -19.68
N VAL A 132 2.03 -12.16 -20.39
CA VAL A 132 3.01 -11.24 -20.97
C VAL A 132 3.10 -10.04 -20.05
N VAL A 133 4.30 -9.77 -19.53
CA VAL A 133 4.50 -8.66 -18.60
C VAL A 133 5.17 -7.43 -19.20
N CYS A 134 4.75 -6.26 -18.73
CA CYS A 134 5.30 -5.00 -19.18
C CYS A 134 5.59 -4.10 -17.98
N PHE A 135 6.78 -3.50 -17.95
CA PHE A 135 7.12 -2.60 -16.87
C PHE A 135 7.26 -1.19 -17.38
N LEU A 136 6.63 -0.25 -16.68
CA LEU A 136 6.73 1.17 -17.01
C LEU A 136 7.34 1.70 -15.73
N ASN A 137 8.66 1.74 -15.69
CA ASN A 137 9.38 2.18 -14.49
C ASN A 137 9.87 3.61 -14.47
N ASN A 138 10.05 4.09 -13.25
CA ASN A 138 10.58 5.41 -12.92
C ASN A 138 10.12 6.62 -13.71
N PHE A 139 8.82 6.88 -13.71
CA PHE A 139 8.31 8.05 -14.41
C PHE A 139 7.69 9.04 -13.41
N TYR A 140 7.40 10.24 -13.90
CA TYR A 140 6.78 11.29 -13.11
C TYR A 140 6.24 12.33 -14.09
N PRO A 141 5.02 12.86 -13.85
CA PRO A 141 4.05 12.59 -12.78
C PRO A 141 3.41 11.21 -12.85
N LYS A 142 2.60 10.87 -11.84
CA LYS A 142 2.01 9.54 -11.78
C LYS A 142 0.94 9.16 -12.79
N ASP A 143 0.33 10.13 -13.44
CA ASP A 143 -0.70 9.84 -14.43
C ASP A 143 -0.12 9.10 -15.63
N ILE A 144 -0.68 7.94 -15.95
CA ILE A 144 -0.21 7.16 -17.08
C ILE A 144 -1.22 6.12 -17.51
N ASN A 145 -1.27 5.85 -18.81
CA ASN A 145 -2.18 4.85 -19.33
C ASN A 145 -1.42 3.86 -20.19
N VAL A 146 -1.82 2.59 -20.12
CA VAL A 146 -1.19 1.53 -20.87
C VAL A 146 -2.17 0.86 -21.81
N LYS A 147 -1.68 0.52 -23.01
CA LYS A 147 -2.50 -0.12 -24.02
C LYS A 147 -1.72 -1.26 -24.68
N TRP A 148 -2.32 -2.44 -24.73
CA TRP A 148 -1.69 -3.61 -25.35
C TRP A 148 -2.12 -3.79 -26.79
N LYS A 149 -1.24 -4.38 -27.59
CA LYS A 149 -1.53 -4.64 -28.98
C LYS A 149 -1.00 -6.01 -29.38
N ILE A 150 -1.87 -6.80 -30.00
CA ILE A 150 -1.51 -8.13 -30.47
C ILE A 150 -1.74 -8.06 -31.98
N ASP A 151 -0.66 -8.30 -32.73
CA ASP A 151 -0.73 -8.23 -34.19
C ASP A 151 -1.41 -6.94 -34.63
N GLY A 152 -0.94 -5.83 -34.07
CA GLY A 152 -1.47 -4.53 -34.42
C GLY A 152 -2.89 -4.19 -33.99
N SER A 153 -3.48 -5.01 -33.12
CA SER A 153 -4.84 -4.72 -32.66
C SER A 153 -4.92 -4.57 -31.15
N GLU A 154 -5.66 -3.55 -30.70
CA GLU A 154 -5.76 -3.30 -29.27
C GLU A 154 -6.34 -4.49 -28.52
N ARG A 155 -5.85 -4.68 -27.29
CA ARG A 155 -6.26 -5.77 -26.41
C ARG A 155 -6.62 -5.19 -25.04
N GLN A 156 -7.82 -5.51 -24.57
CA GLN A 156 -8.29 -5.00 -23.28
C GLN A 156 -8.61 -6.02 -22.20
N ASN A 157 -9.11 -7.19 -22.60
CA ASN A 157 -9.43 -8.22 -21.63
C ASN A 157 -8.18 -9.02 -21.29
N GLY A 158 -8.10 -9.48 -20.05
CA GLY A 158 -6.95 -10.25 -19.62
C GLY A 158 -5.83 -9.42 -19.05
N VAL A 159 -6.01 -8.10 -19.07
CA VAL A 159 -5.04 -7.15 -18.56
C VAL A 159 -5.30 -6.73 -17.11
N LEU A 160 -4.26 -6.76 -16.29
CA LEU A 160 -4.33 -6.39 -14.87
C LEU A 160 -3.17 -5.45 -14.56
N ASN A 161 -3.45 -4.32 -13.91
CA ASN A 161 -2.40 -3.37 -13.60
C ASN A 161 -2.20 -3.09 -12.12
N SER A 162 -0.97 -2.73 -11.77
CA SER A 162 -0.60 -2.42 -10.39
C SER A 162 0.29 -1.19 -10.40
N TRP A 163 0.13 -0.33 -9.39
CA TRP A 163 0.92 0.90 -9.33
C TRP A 163 1.66 1.08 -8.01
N THR A 164 2.97 1.30 -8.07
CA THR A 164 3.74 1.52 -6.85
C THR A 164 3.48 2.92 -6.36
N ASP A 165 3.89 3.18 -5.11
CA ASP A 165 3.74 4.50 -4.53
C ASP A 165 4.99 5.26 -4.90
N GLN A 166 5.00 6.55 -4.62
CA GLN A 166 6.14 7.35 -4.97
C GLN A 166 7.38 6.79 -4.28
N ASP A 167 8.42 6.53 -5.07
CA ASP A 167 9.64 5.98 -4.51
C ASP A 167 10.29 6.96 -3.54
N SER A 168 10.77 6.44 -2.42
CA SER A 168 11.40 7.27 -1.40
C SER A 168 12.76 7.83 -1.80
N LYS A 169 13.40 7.21 -2.79
CA LYS A 169 14.72 7.66 -3.24
C LYS A 169 14.77 8.59 -4.45
N ASP A 170 13.86 8.43 -5.40
CA ASP A 170 13.90 9.30 -6.58
C ASP A 170 12.58 10.01 -6.89
N SER A 171 11.58 9.82 -6.03
CA SER A 171 10.28 10.46 -6.20
C SER A 171 9.51 10.08 -7.48
N THR A 172 9.88 8.96 -8.10
CA THR A 172 9.16 8.54 -9.31
C THR A 172 8.12 7.48 -8.96
N TYR A 173 7.30 7.14 -9.96
CA TYR A 173 6.27 6.12 -9.83
C TYR A 173 6.54 5.04 -10.87
N SER A 174 6.09 3.81 -10.59
CA SER A 174 6.26 2.71 -11.55
C SER A 174 4.96 1.96 -11.70
N MET A 175 4.82 1.25 -12.81
CA MET A 175 3.59 0.50 -13.05
C MET A 175 3.86 -0.86 -13.64
N SER A 176 2.95 -1.79 -13.41
CA SER A 176 3.09 -3.14 -13.92
C SER A 176 1.81 -3.51 -14.65
N SER A 177 1.94 -3.94 -15.90
CA SER A 177 0.77 -4.36 -16.69
C SER A 177 1.00 -5.79 -17.13
N THR A 178 0.00 -6.63 -16.89
CA THR A 178 0.12 -8.04 -17.24
C THR A 178 -1.06 -8.57 -18.07
N LEU A 179 -0.73 -9.06 -19.25
CA LEU A 179 -1.71 -9.63 -20.16
C LEU A 179 -1.63 -11.13 -19.98
N THR A 180 -2.71 -11.73 -19.45
CA THR A 180 -2.75 -13.16 -19.23
C THR A 180 -3.47 -13.86 -20.35
N LEU A 181 -2.90 -14.97 -20.81
CA LEU A 181 -3.48 -15.75 -21.89
C LEU A 181 -3.16 -17.22 -21.67
N THR A 182 -3.76 -18.06 -22.49
CA THR A 182 -3.49 -19.49 -22.45
C THR A 182 -2.40 -19.71 -23.49
N LYS A 183 -1.69 -20.82 -23.37
CA LYS A 183 -0.62 -21.16 -24.30
C LYS A 183 -1.14 -21.09 -25.74
N ASP A 184 -2.37 -21.54 -25.95
CA ASP A 184 -2.97 -21.55 -27.28
C ASP A 184 -3.31 -20.15 -27.82
N GLU A 185 -3.93 -19.32 -27.00
CA GLU A 185 -4.28 -17.95 -27.40
C GLU A 185 -3.01 -17.21 -27.74
N TYR A 186 -2.00 -17.38 -26.90
CA TYR A 186 -0.71 -16.73 -27.07
C TYR A 186 0.03 -17.15 -28.34
N GLU A 187 -0.05 -18.44 -28.68
CA GLU A 187 0.65 -18.95 -29.85
C GLU A 187 -0.03 -18.67 -31.19
N ARG A 188 -1.25 -18.14 -31.13
CA ARG A 188 -2.00 -17.80 -32.33
C ARG A 188 -1.54 -16.46 -32.91
N HIS A 189 -0.70 -15.75 -32.17
CA HIS A 189 -0.22 -14.44 -32.62
C HIS A 189 1.28 -14.27 -32.56
N ASN A 190 1.78 -13.33 -33.36
CA ASN A 190 3.22 -13.11 -33.40
C ASN A 190 3.75 -11.87 -32.68
N SER A 191 3.15 -10.70 -32.92
CA SER A 191 3.67 -9.50 -32.26
C SER A 191 2.91 -9.01 -31.04
N TYR A 192 3.65 -8.68 -30.00
CA TYR A 192 3.06 -8.16 -28.77
C TYR A 192 3.69 -6.81 -28.44
N THR A 193 2.84 -5.79 -28.28
CA THR A 193 3.31 -4.45 -28.00
C THR A 193 2.68 -3.81 -26.76
N CYS A 194 3.52 -3.17 -25.96
CA CYS A 194 3.12 -2.48 -24.75
C CYS A 194 3.30 -0.99 -25.03
N GLU A 195 2.20 -0.24 -25.02
CA GLU A 195 2.27 1.19 -25.30
C GLU A 195 1.82 2.03 -24.11
N ALA A 196 2.67 2.95 -23.69
CA ALA A 196 2.37 3.85 -22.59
C ALA A 196 2.13 5.23 -23.16
N THR A 197 1.23 5.97 -22.51
CA THR A 197 0.89 7.34 -22.90
C THR A 197 1.20 8.14 -21.65
N HIS A 198 2.12 9.09 -21.76
CA HIS A 198 2.53 9.89 -20.61
C HIS A 198 2.68 11.34 -21.08
N LYS A 199 2.55 12.29 -20.17
CA LYS A 199 2.65 13.70 -20.56
C LYS A 199 4.01 14.09 -21.12
N THR A 200 5.01 13.22 -20.98
CA THR A 200 6.35 13.53 -21.49
C THR A 200 6.52 13.24 -22.97
N SER A 201 5.44 12.86 -23.64
CA SER A 201 5.49 12.60 -25.08
C SER A 201 4.09 12.60 -25.65
N THR A 202 3.93 13.14 -26.86
CA THR A 202 2.62 13.16 -27.48
C THR A 202 2.43 11.91 -28.33
N SER A 203 3.45 11.06 -28.34
CA SER A 203 3.41 9.79 -29.08
C SER A 203 3.42 8.69 -28.04
N PRO A 204 3.04 7.47 -28.43
CA PRO A 204 3.06 6.38 -27.45
C PRO A 204 4.53 6.03 -27.16
N ILE A 205 4.81 5.64 -25.92
CA ILE A 205 6.15 5.25 -25.54
C ILE A 205 6.03 3.73 -25.56
N VAL A 206 6.59 3.11 -26.59
CA VAL A 206 6.44 1.67 -26.78
C VAL A 206 7.65 0.75 -26.74
N LYS A 207 7.33 -0.52 -26.62
CA LYS A 207 8.33 -1.57 -26.58
C LYS A 207 7.56 -2.82 -26.94
N SER A 208 8.12 -3.68 -27.78
CA SER A 208 7.42 -4.89 -28.14
C SER A 208 8.36 -6.03 -28.49
N PHE A 209 7.79 -7.18 -28.80
CA PHE A 209 8.58 -8.35 -29.18
C PHE A 209 7.73 -9.22 -30.09
N ASN A 210 8.38 -10.13 -30.79
CA ASN A 210 7.68 -11.05 -31.67
C ASN A 210 8.12 -12.46 -31.32
N ARG A 211 7.14 -13.36 -31.23
CA ARG A 211 7.44 -14.76 -30.92
C ARG A 211 8.41 -15.29 -31.96
N ASN A 212 8.13 -14.99 -33.22
CA ASN A 212 8.96 -15.46 -34.32
C ASN A 212 10.21 -14.58 -34.48
N GLU A 213 11.05 -14.59 -33.44
CA GLU A 213 12.30 -13.84 -33.42
C GLU A 213 13.07 -14.12 -32.14
N ILE B 2 6.69 4.00 26.90
CA ILE B 2 5.41 3.24 26.74
C ILE B 2 5.29 2.70 25.32
N GLN B 3 4.77 1.48 25.20
CA GLN B 3 4.60 0.84 23.90
C GLN B 3 3.38 -0.08 23.86
N LEU B 4 2.78 -0.18 22.68
CA LEU B 4 1.62 -1.05 22.49
C LEU B 4 2.01 -2.12 21.49
N VAL B 5 1.81 -3.37 21.86
CA VAL B 5 2.13 -4.49 20.98
C VAL B 5 0.83 -5.21 20.65
N GLN B 6 0.67 -5.61 19.39
CA GLN B 6 -0.54 -6.31 18.97
C GLN B 6 -0.20 -7.71 18.50
N SER B 7 -1.21 -8.59 18.49
CA SER B 7 -1.02 -9.97 18.05
C SER B 7 -0.78 -9.98 16.54
N GLY B 8 -0.06 -11.00 16.08
CA GLY B 8 0.26 -11.11 14.67
C GLY B 8 -0.90 -11.18 13.70
N PRO B 9 -0.60 -11.31 12.40
CA PRO B 9 -1.62 -11.39 11.35
C PRO B 9 -2.64 -12.46 11.66
N GLU B 10 -3.79 -12.36 11.01
CA GLU B 10 -4.89 -13.31 11.20
C GLU B 10 -5.53 -13.64 9.87
N LEU B 11 -5.97 -14.89 9.74
CA LEU B 11 -6.65 -15.34 8.53
C LEU B 11 -7.87 -16.14 9.00
N LYS B 12 -9.05 -15.66 8.67
CA LYS B 12 -10.28 -16.31 9.08
C LYS B 12 -11.22 -16.51 7.89
N LYS B 13 -12.20 -17.37 8.07
CA LYS B 13 -13.18 -17.64 7.02
C LYS B 13 -14.43 -16.83 7.31
N PRO B 14 -15.16 -16.43 6.25
CA PRO B 14 -16.39 -15.66 6.42
C PRO B 14 -17.27 -16.29 7.50
N GLY B 15 -17.63 -15.51 8.50
CA GLY B 15 -18.48 -16.03 9.55
C GLY B 15 -17.81 -16.54 10.81
N GLU B 16 -16.49 -16.46 10.88
CA GLU B 16 -15.79 -16.92 12.08
C GLU B 16 -15.59 -15.77 13.06
N THR B 17 -14.79 -16.03 14.09
CA THR B 17 -14.52 -15.02 15.10
C THR B 17 -13.02 -14.84 15.25
N VAL B 18 -12.59 -13.64 15.63
CA VAL B 18 -11.17 -13.37 15.82
C VAL B 18 -10.99 -12.40 17.00
N ARG B 19 -9.94 -12.63 17.78
CA ARG B 19 -9.64 -11.77 18.93
C ARG B 19 -8.25 -11.18 18.71
N ILE B 20 -8.15 -9.85 18.74
CA ILE B 20 -6.89 -9.16 18.54
C ILE B 20 -6.45 -8.53 19.86
N SER B 21 -5.23 -8.86 20.30
CA SER B 21 -4.75 -8.32 21.56
C SER B 21 -3.89 -7.10 21.36
N CYS B 22 -3.88 -6.26 22.39
CA CYS B 22 -3.13 -5.03 22.41
C CYS B 22 -2.62 -4.92 23.84
N LYS B 23 -1.37 -5.30 24.08
CA LYS B 23 -0.84 -5.22 25.43
C LYS B 23 0.21 -4.14 25.61
N ALA B 24 -0.03 -3.28 26.60
CA ALA B 24 0.86 -2.18 26.92
C ALA B 24 1.92 -2.68 27.89
N SER B 25 2.98 -1.89 28.06
CA SER B 25 4.05 -2.27 28.97
C SER B 25 3.94 -1.57 30.32
N ASP B 26 3.33 -0.39 30.34
CA ASP B 26 3.22 0.38 31.58
C ASP B 26 1.81 0.53 32.17
N TYR B 27 0.79 0.54 31.31
CA TYR B 27 -0.60 0.70 31.76
C TYR B 27 -0.74 1.74 32.87
N THR B 31 -5.84 3.79 33.15
CA THR B 31 -5.48 5.15 32.80
C THR B 31 -6.01 5.53 31.41
N SER B 32 -6.44 6.80 31.29
CA SER B 32 -6.94 7.36 30.03
C SER B 32 -8.06 6.65 29.25
N GLY B 33 -7.76 5.45 28.76
CA GLY B 33 -8.74 4.69 27.98
C GLY B 33 -8.10 4.38 26.64
N MET B 34 -8.76 3.60 25.79
CA MET B 34 -8.20 3.27 24.49
C MET B 34 -9.22 3.29 23.35
N GLN B 35 -8.73 3.27 22.13
CA GLN B 35 -9.59 3.28 20.95
C GLN B 35 -9.07 2.33 19.90
N TRP B 36 -9.93 1.95 18.97
CA TRP B 36 -9.55 1.05 17.89
C TRP B 36 -9.87 1.74 16.57
N VAL B 37 -9.00 1.54 15.59
CA VAL B 37 -9.18 2.15 14.30
C VAL B 37 -9.02 1.08 13.21
N GLN B 38 -9.82 1.18 12.17
CA GLN B 38 -9.75 0.24 11.06
C GLN B 38 -9.22 0.94 9.82
N GLN B 39 -8.42 0.22 9.03
CA GLN B 39 -7.89 0.78 7.79
C GLN B 39 -7.86 -0.29 6.72
N MET B 40 -8.81 -0.21 5.78
CA MET B 40 -8.88 -1.16 4.69
C MET B 40 -7.78 -0.85 3.69
N PRO B 41 -7.28 -1.88 2.99
CA PRO B 41 -6.21 -1.68 2.01
C PRO B 41 -6.42 -0.49 1.06
N GLY B 42 -5.46 0.43 1.07
CA GLY B 42 -5.52 1.59 0.22
C GLY B 42 -6.54 2.64 0.63
N LYS B 43 -7.20 2.43 1.76
CA LYS B 43 -8.22 3.37 2.24
C LYS B 43 -7.77 4.21 3.43
N GLY B 44 -8.61 5.16 3.82
CA GLY B 44 -8.30 6.03 4.94
C GLY B 44 -8.51 5.35 6.28
N LEU B 45 -8.30 6.10 7.36
CA LEU B 45 -8.48 5.58 8.72
C LEU B 45 -9.94 5.70 9.14
N LYS B 46 -10.48 4.64 9.71
CA LYS B 46 -11.85 4.64 10.17
C LYS B 46 -11.88 4.26 11.64
N TRP B 47 -12.63 5.03 12.42
CA TRP B 47 -12.74 4.81 13.87
C TRP B 47 -13.76 3.73 14.18
N ILE B 48 -13.39 2.79 15.03
CA ILE B 48 -14.30 1.71 15.40
C ILE B 48 -15.04 2.09 16.67
N GLY B 49 -14.33 2.71 17.59
CA GLY B 49 -14.90 3.15 18.85
C GLY B 49 -13.80 3.24 19.88
N TRP B 50 -14.17 3.51 21.13
CA TRP B 50 -13.16 3.58 22.17
C TRP B 50 -13.72 2.99 23.45
N LEU B 51 -12.84 2.67 24.38
CA LEU B 51 -13.25 2.09 25.65
C LEU B 51 -12.75 2.89 26.83
N ASN B 52 -13.67 3.33 27.67
CA ASN B 52 -13.29 4.10 28.85
C ASN B 52 -12.81 3.09 29.88
N THR B 53 -11.51 2.82 29.90
CA THR B 53 -10.94 1.85 30.85
C THR B 53 -11.35 2.08 32.29
N GLN B 54 -11.62 3.34 32.63
CA GLN B 54 -12.02 3.70 33.99
C GLN B 54 -13.43 3.24 34.34
N SER B 55 -14.39 3.49 33.45
CA SER B 55 -15.77 3.11 33.69
C SER B 55 -16.13 1.80 32.98
N GLY B 56 -15.20 1.28 32.20
CA GLY B 56 -15.43 0.04 31.47
C GLY B 56 -16.48 0.17 30.39
N VAL B 57 -16.97 1.38 30.19
CA VAL B 57 -18.00 1.63 29.19
C VAL B 57 -17.44 1.79 27.77
N PRO B 58 -17.81 0.86 26.87
CA PRO B 58 -17.35 0.91 25.48
C PRO B 58 -18.30 1.78 24.67
N GLU B 59 -17.78 2.42 23.63
CA GLU B 59 -18.58 3.28 22.77
C GLU B 59 -18.20 3.01 21.32
N TYR B 60 -19.14 2.48 20.53
CA TYR B 60 -18.87 2.14 19.14
C TYR B 60 -19.51 3.06 18.11
N ALA B 61 -18.98 3.01 16.90
CA ALA B 61 -19.50 3.80 15.80
C ALA B 61 -20.52 2.92 15.06
N GLU B 62 -21.55 3.53 14.51
CA GLU B 62 -22.61 2.82 13.80
C GLU B 62 -22.25 1.56 13.03
N ASP B 63 -21.29 1.67 12.11
CA ASP B 63 -20.90 0.51 11.29
C ASP B 63 -20.20 -0.62 12.02
N PHE B 64 -19.92 -0.43 13.30
CA PHE B 64 -19.22 -1.45 14.07
C PHE B 64 -20.02 -1.95 15.26
N LYS B 65 -21.22 -1.44 15.46
CA LYS B 65 -22.07 -1.88 16.57
C LYS B 65 -22.61 -3.27 16.26
N GLY B 66 -22.51 -4.17 17.23
CA GLY B 66 -23.00 -5.51 17.03
C GLY B 66 -21.94 -6.58 16.84
N ARG B 67 -21.09 -6.41 15.84
CA ARG B 67 -20.04 -7.41 15.57
C ARG B 67 -18.67 -7.11 16.17
N PHE B 68 -18.46 -5.89 16.67
CA PHE B 68 -17.18 -5.52 17.26
C PHE B 68 -17.38 -5.24 18.74
N ALA B 69 -16.43 -5.69 19.56
CA ALA B 69 -16.54 -5.51 21.01
C ALA B 69 -15.17 -5.34 21.67
N PHE B 70 -15.08 -4.41 22.61
CA PHE B 70 -13.83 -4.16 23.32
C PHE B 70 -13.84 -4.81 24.70
N SER B 71 -12.68 -5.32 25.13
CA SER B 71 -12.57 -5.95 26.43
C SER B 71 -11.17 -5.73 27.00
N LEU B 72 -11.02 -5.97 28.30
CA LEU B 72 -9.74 -5.79 28.97
C LEU B 72 -9.23 -7.06 29.64
N GLU B 73 -8.10 -6.94 30.33
CA GLU B 73 -7.51 -8.07 31.01
C GLU B 73 -6.99 -7.64 32.37
N THR B 77 -2.70 -6.11 31.49
CA THR B 77 -2.47 -5.06 30.50
C THR B 77 -2.66 -5.58 29.09
N THR B 78 -3.87 -5.96 28.75
CA THR B 78 -4.15 -6.46 27.43
C THR B 78 -5.58 -6.20 27.06
N ALA B 79 -5.79 -5.25 26.16
CA ALA B 79 -7.12 -4.92 25.71
C ALA B 79 -7.38 -5.78 24.48
N TYR B 80 -8.63 -6.19 24.29
CA TYR B 80 -8.95 -7.02 23.14
C TYR B 80 -10.00 -6.38 22.25
N LEU B 81 -9.98 -6.78 20.99
CA LEU B 81 -10.94 -6.32 20.02
C LEU B 81 -11.38 -7.61 19.38
N GLN B 82 -12.61 -8.02 19.66
CA GLN B 82 -13.14 -9.25 19.10
C GLN B 82 -14.18 -8.91 18.06
N ILE B 83 -14.14 -9.59 16.91
CA ILE B 83 -15.09 -9.35 15.85
C ILE B 83 -15.85 -10.64 15.59
N ASN B 84 -17.18 -10.55 15.44
CA ASN B 84 -18.03 -11.72 15.21
C ASN B 84 -18.55 -11.77 13.79
N ASN B 85 -19.02 -12.94 13.40
CA ASN B 85 -19.59 -13.13 12.07
C ASN B 85 -18.85 -12.39 10.97
N LEU B 86 -17.54 -12.60 10.92
CA LEU B 86 -16.67 -11.97 9.94
C LEU B 86 -17.16 -11.97 8.51
N LYS B 87 -17.02 -10.81 7.84
CA LYS B 87 -17.42 -10.63 6.46
C LYS B 87 -16.17 -10.31 5.65
N ASN B 88 -16.20 -10.64 4.36
CA ASN B 88 -15.07 -10.36 3.49
C ASN B 88 -14.60 -8.94 3.75
N GLU B 89 -15.54 -8.01 3.70
CA GLU B 89 -15.24 -6.60 3.89
C GLU B 89 -14.54 -6.24 5.22
N ASP B 90 -14.45 -7.20 6.14
CA ASP B 90 -13.78 -6.90 7.41
C ASP B 90 -12.27 -6.93 7.22
N THR B 91 -11.84 -7.32 6.02
CA THR B 91 -10.43 -7.41 5.69
C THR B 91 -9.81 -6.04 5.80
N ALA B 92 -8.77 -5.94 6.64
CA ALA B 92 -8.10 -4.67 6.86
C ALA B 92 -7.07 -4.81 7.95
N THR B 93 -6.49 -3.67 8.31
CA THR B 93 -5.51 -3.64 9.38
C THR B 93 -6.22 -2.94 10.53
N TYR B 94 -6.05 -3.45 11.74
CA TYR B 94 -6.68 -2.84 12.92
C TYR B 94 -5.64 -2.31 13.89
N PHE B 95 -5.82 -1.06 14.28
CA PHE B 95 -4.89 -0.42 15.20
C PHE B 95 -5.55 -0.16 16.55
N CYS B 96 -4.75 -0.16 17.60
CA CYS B 96 -5.25 0.16 18.93
C CYS B 96 -4.45 1.38 19.37
N ALA B 97 -5.03 2.19 20.26
CA ALA B 97 -4.33 3.40 20.68
C ALA B 97 -4.84 3.98 21.98
N THR B 98 -3.91 4.55 22.73
CA THR B 98 -4.21 5.19 24.00
C THR B 98 -3.55 6.56 24.01
N TRP B 99 -3.79 7.34 25.04
CA TRP B 99 -3.21 8.67 25.11
C TRP B 99 -2.76 9.03 26.52
N GLY B 100 -1.92 10.06 26.63
CA GLY B 100 -1.43 10.48 27.92
C GLY B 100 -0.34 11.53 27.89
N GLY B 101 -0.53 12.59 28.66
CA GLY B 101 0.45 13.64 28.72
C GLY B 101 0.46 14.57 27.52
N ASN B 102 1.48 14.44 26.67
CA ASN B 102 1.62 15.29 25.51
C ASN B 102 1.77 14.50 24.21
N SER B 103 1.18 13.32 24.15
CA SER B 103 1.28 12.51 22.94
C SER B 103 0.29 11.35 22.87
N ALA B 104 0.40 10.59 21.78
CA ALA B 104 -0.47 9.44 21.53
C ALA B 104 0.38 8.19 21.35
N TYR B 105 -0.19 7.03 21.66
CA TYR B 105 0.54 5.77 21.52
C TYR B 105 -0.30 4.77 20.73
N TRP B 106 0.23 4.32 19.60
CA TRP B 106 -0.47 3.37 18.73
C TRP B 106 0.23 2.04 18.57
N GLY B 107 -0.55 1.00 18.32
CA GLY B 107 0.02 -0.32 18.10
C GLY B 107 0.60 -0.38 16.71
N GLN B 108 1.40 -1.40 16.43
CA GLN B 108 2.02 -1.53 15.10
C GLN B 108 0.97 -1.92 14.06
N GLY B 109 -0.18 -2.36 14.53
CA GLY B 109 -1.24 -2.75 13.62
C GLY B 109 -1.31 -4.25 13.51
N THR B 110 -2.48 -4.77 13.14
CA THR B 110 -2.73 -6.20 12.97
C THR B 110 -3.56 -6.42 11.71
N THR B 111 -3.01 -7.19 10.78
CA THR B 111 -3.70 -7.47 9.54
C THR B 111 -4.69 -8.61 9.70
N LEU B 112 -5.86 -8.44 9.11
CA LEU B 112 -6.89 -9.47 9.15
C LEU B 112 -7.39 -9.69 7.74
N THR B 113 -7.34 -10.94 7.29
CA THR B 113 -7.83 -11.28 5.96
C THR B 113 -8.99 -12.23 6.20
N VAL B 114 -10.16 -11.91 5.65
CA VAL B 114 -11.33 -12.75 5.82
C VAL B 114 -11.76 -13.23 4.43
N SER B 115 -11.50 -14.49 4.14
CA SER B 115 -11.84 -15.05 2.84
C SER B 115 -12.16 -16.53 2.91
N SER B 116 -12.89 -17.00 1.91
CA SER B 116 -13.26 -18.40 1.83
C SER B 116 -12.14 -19.11 1.07
N ALA B 117 -11.29 -18.31 0.42
CA ALA B 117 -10.16 -18.82 -0.35
C ALA B 117 -9.31 -19.81 0.43
N LYS B 118 -8.64 -20.69 -0.31
CA LYS B 118 -7.79 -21.73 0.26
C LYS B 118 -6.34 -21.27 0.18
N THR B 119 -5.61 -21.40 1.27
CA THR B 119 -4.20 -21.00 1.29
C THR B 119 -3.43 -21.71 0.17
N THR B 120 -2.96 -20.93 -0.81
CA THR B 120 -2.22 -21.48 -1.94
C THR B 120 -0.84 -20.86 -2.14
N PRO B 121 0.19 -21.69 -2.34
CA PRO B 121 1.53 -21.14 -2.55
C PRO B 121 1.59 -20.53 -3.95
N PRO B 122 2.52 -19.58 -4.17
CA PRO B 122 2.66 -18.92 -5.47
C PRO B 122 3.48 -19.71 -6.49
N SER B 123 3.28 -19.40 -7.76
CA SER B 123 4.04 -19.99 -8.86
C SER B 123 4.96 -18.83 -9.29
N VAL B 124 6.27 -19.01 -9.20
CA VAL B 124 7.21 -17.95 -9.56
C VAL B 124 7.84 -18.17 -10.93
N TYR B 125 7.73 -17.17 -11.81
CA TYR B 125 8.28 -17.29 -13.15
C TYR B 125 9.34 -16.22 -13.41
N PRO B 126 10.38 -16.60 -14.15
CA PRO B 126 11.46 -15.65 -14.46
C PRO B 126 11.03 -14.70 -15.59
N LEU B 127 11.34 -13.42 -15.45
CA LEU B 127 11.00 -12.44 -16.48
C LEU B 127 12.32 -11.94 -17.06
N ALA B 128 12.69 -12.48 -18.21
CA ALA B 128 13.94 -12.12 -18.87
C ALA B 128 13.68 -11.42 -20.20
N PRO B 129 14.64 -10.57 -20.63
CA PRO B 129 14.60 -9.80 -21.88
C PRO B 129 14.37 -10.66 -23.12
N GLY B 130 13.51 -10.20 -24.02
CA GLY B 130 13.21 -10.94 -25.23
C GLY B 130 14.44 -11.47 -25.94
N THR B 135 21.63 -4.68 -26.77
CA THR B 135 21.74 -4.60 -25.33
C THR B 135 22.44 -3.30 -24.89
N ASN B 136 21.83 -2.65 -23.90
CA ASN B 136 22.33 -1.38 -23.37
C ASN B 136 23.28 -1.66 -22.20
N SER B 137 23.72 -0.61 -21.51
CA SER B 137 24.61 -0.81 -20.38
C SER B 137 23.83 -1.23 -19.12
N MET B 138 22.51 -1.00 -19.13
CA MET B 138 21.64 -1.38 -18.02
C MET B 138 20.60 -2.35 -18.55
N VAL B 139 20.19 -3.31 -17.74
CA VAL B 139 19.21 -4.27 -18.18
C VAL B 139 18.21 -4.49 -17.08
N THR B 140 16.93 -4.56 -17.44
CA THR B 140 15.88 -4.76 -16.44
C THR B 140 15.35 -6.20 -16.45
N LEU B 141 15.35 -6.80 -15.27
CA LEU B 141 14.90 -8.17 -15.09
C LEU B 141 13.68 -8.18 -14.18
N GLY B 142 13.03 -9.33 -14.04
CA GLY B 142 11.88 -9.40 -13.16
C GLY B 142 11.47 -10.79 -12.74
N CYS B 143 10.46 -10.86 -11.88
CA CYS B 143 9.91 -12.12 -11.41
C CYS B 143 8.40 -11.97 -11.26
N LEU B 144 7.65 -12.90 -11.82
CA LEU B 144 6.20 -12.90 -11.75
C LEU B 144 5.79 -13.88 -10.64
N VAL B 145 5.08 -13.38 -9.65
CA VAL B 145 4.63 -14.22 -8.55
C VAL B 145 3.13 -14.33 -8.74
N LYS B 146 2.71 -15.45 -9.32
CA LYS B 146 1.30 -15.67 -9.66
C LYS B 146 0.49 -16.68 -8.85
N GLY B 147 -0.80 -16.38 -8.72
CA GLY B 147 -1.75 -17.25 -8.04
C GLY B 147 -1.59 -17.69 -6.60
N TYR B 148 -1.24 -16.77 -5.70
CA TYR B 148 -1.06 -17.13 -4.31
C TYR B 148 -2.12 -16.53 -3.39
N PHE B 149 -2.21 -17.08 -2.18
CA PHE B 149 -3.17 -16.60 -1.19
C PHE B 149 -2.81 -17.21 0.15
N PRO B 150 -2.84 -16.40 1.22
CA PRO B 150 -3.19 -14.98 1.25
C PRO B 150 -1.94 -14.11 1.11
N GLU B 151 -2.07 -12.84 1.50
CA GLU B 151 -0.95 -11.90 1.48
C GLU B 151 -0.24 -12.01 2.81
N PRO B 152 1.01 -11.55 2.89
CA PRO B 152 1.76 -10.95 1.79
C PRO B 152 2.73 -11.97 1.23
N VAL B 153 3.71 -11.48 0.49
CA VAL B 153 4.74 -12.33 -0.06
C VAL B 153 5.98 -11.46 -0.13
N THR B 154 7.02 -11.87 0.58
CA THR B 154 8.27 -11.12 0.60
C THR B 154 9.15 -11.53 -0.59
N VAL B 155 9.60 -10.54 -1.36
CA VAL B 155 10.46 -10.77 -2.52
C VAL B 155 11.80 -10.07 -2.35
N THR B 156 12.89 -10.80 -2.59
CA THR B 156 14.22 -10.21 -2.54
C THR B 156 15.00 -10.67 -3.77
N TRP B 157 16.16 -10.08 -3.99
CA TRP B 157 17.02 -10.45 -5.12
C TRP B 157 18.40 -10.82 -4.63
N ASN B 158 18.92 -11.95 -5.09
CA ASN B 158 20.23 -12.40 -4.65
C ASN B 158 20.30 -12.32 -3.13
N SER B 159 19.36 -12.98 -2.48
CA SER B 159 19.28 -13.05 -1.02
C SER B 159 19.35 -11.71 -0.29
N GLY B 160 19.09 -10.62 -0.99
CA GLY B 160 19.15 -9.31 -0.37
C GLY B 160 20.35 -8.51 -0.85
N SER B 161 21.33 -9.19 -1.45
CA SER B 161 22.52 -8.51 -1.95
C SER B 161 22.18 -7.43 -2.97
N LEU B 162 21.12 -7.64 -3.75
CA LEU B 162 20.66 -6.66 -4.74
C LEU B 162 19.47 -5.91 -4.17
N SER B 163 19.73 -4.71 -3.67
CA SER B 163 18.67 -3.91 -3.08
C SER B 163 18.51 -2.58 -3.81
N SER B 164 19.37 -2.33 -4.79
CA SER B 164 19.31 -1.09 -5.55
C SER B 164 18.63 -1.33 -6.89
N GLY B 165 17.93 -0.32 -7.40
CA GLY B 165 17.24 -0.46 -8.67
C GLY B 165 16.22 -1.58 -8.63
N VAL B 166 15.62 -1.76 -7.45
CA VAL B 166 14.63 -2.80 -7.21
C VAL B 166 13.32 -2.25 -6.66
N HIS B 167 12.20 -2.81 -7.12
CA HIS B 167 10.91 -2.43 -6.59
C HIS B 167 9.86 -3.47 -6.91
N THR B 168 9.05 -3.79 -5.92
CA THR B 168 8.00 -4.79 -6.05
C THR B 168 6.64 -4.11 -6.09
N PHE B 169 5.89 -4.41 -7.14
CA PHE B 169 4.56 -3.83 -7.33
C PHE B 169 3.52 -4.44 -6.40
N PRO B 170 2.51 -3.65 -6.04
CA PRO B 170 1.46 -4.18 -5.15
C PRO B 170 0.72 -5.33 -5.85
N ALA B 171 0.27 -6.29 -5.06
CA ALA B 171 -0.44 -7.43 -5.60
C ALA B 171 -1.87 -7.06 -6.06
N VAL B 172 -2.32 -7.69 -7.14
CA VAL B 172 -3.66 -7.48 -7.63
C VAL B 172 -4.41 -8.79 -7.41
N LEU B 173 -5.67 -8.68 -7.00
CA LEU B 173 -6.48 -9.85 -6.71
C LEU B 173 -7.28 -10.32 -7.92
N GLN B 174 -6.98 -11.54 -8.37
CA GLN B 174 -7.68 -12.14 -9.50
C GLN B 174 -8.24 -13.47 -9.01
N SER B 175 -9.56 -13.64 -9.14
CA SER B 175 -10.22 -14.85 -8.67
C SER B 175 -10.32 -14.71 -7.16
N ASP B 176 -9.54 -15.51 -6.46
CA ASP B 176 -9.47 -15.46 -5.01
C ASP B 176 -8.00 -15.48 -4.70
N LEU B 177 -7.19 -15.36 -5.74
CA LEU B 177 -5.75 -15.38 -5.60
C LEU B 177 -5.07 -14.06 -5.97
N TYR B 178 -3.90 -13.85 -5.38
CA TYR B 178 -3.13 -12.64 -5.64
C TYR B 178 -1.99 -12.90 -6.64
N THR B 179 -1.67 -11.86 -7.42
CA THR B 179 -0.57 -11.92 -8.38
C THR B 179 0.22 -10.63 -8.26
N LEU B 180 1.54 -10.73 -8.38
CA LEU B 180 2.41 -9.57 -8.25
C LEU B 180 3.75 -9.84 -8.93
N SER B 181 4.47 -8.78 -9.29
CA SER B 181 5.77 -8.96 -9.94
C SER B 181 6.80 -8.01 -9.35
N SER B 182 8.07 -8.38 -9.47
CA SER B 182 9.15 -7.56 -8.96
C SER B 182 10.11 -7.23 -10.08
N SER B 183 10.56 -5.98 -10.10
CA SER B 183 11.47 -5.49 -11.11
C SER B 183 12.86 -5.17 -10.54
N VAL B 184 13.91 -5.55 -11.26
CA VAL B 184 15.26 -5.27 -10.82
C VAL B 184 16.12 -4.83 -12.00
N THR B 185 16.86 -3.73 -11.82
CA THR B 185 17.73 -3.21 -12.88
C THR B 185 19.20 -3.32 -12.51
N VAL B 186 19.95 -4.07 -13.31
CA VAL B 186 21.39 -4.26 -13.08
C VAL B 186 22.20 -3.99 -14.35
N PRO B 187 23.52 -3.83 -14.22
CA PRO B 187 24.39 -3.56 -15.38
C PRO B 187 24.50 -4.78 -16.30
N SER B 188 24.45 -4.56 -17.61
CA SER B 188 24.57 -5.65 -18.56
C SER B 188 25.92 -6.35 -18.37
N SER B 189 26.85 -5.65 -17.76
CA SER B 189 28.18 -6.20 -17.52
C SER B 189 28.12 -7.14 -16.32
N THR B 190 27.02 -7.09 -15.58
CA THR B 190 26.84 -7.94 -14.40
C THR B 190 26.05 -9.19 -14.73
N TRP B 191 25.00 -9.04 -15.52
CA TRP B 191 24.14 -10.15 -15.93
C TRP B 191 24.23 -10.26 -17.44
N PRO B 192 24.20 -11.49 -18.00
CA PRO B 192 24.09 -12.79 -17.35
C PRO B 192 25.35 -13.38 -16.75
N SER B 193 26.48 -12.68 -16.90
CA SER B 193 27.75 -13.16 -16.35
C SER B 193 27.59 -13.58 -14.90
N GLU B 194 27.10 -12.66 -14.07
CA GLU B 194 26.87 -12.94 -12.66
C GLU B 194 25.42 -13.34 -12.44
N THR B 195 25.22 -14.31 -11.56
CA THR B 195 23.90 -14.84 -11.24
C THR B 195 22.92 -13.84 -10.64
N VAL B 196 21.69 -13.87 -11.15
CA VAL B 196 20.63 -13.01 -10.64
C VAL B 196 19.44 -13.91 -10.38
N THR B 197 19.10 -14.05 -9.11
CA THR B 197 18.01 -14.90 -8.66
C THR B 197 17.03 -14.13 -7.78
N CYS B 198 15.74 -14.37 -7.95
CA CYS B 198 14.78 -13.71 -7.09
C CYS B 198 14.31 -14.71 -6.05
N ASN B 199 14.13 -14.25 -4.82
CA ASN B 199 13.73 -15.11 -3.72
C ASN B 199 12.35 -14.74 -3.23
N VAL B 200 11.41 -15.65 -3.42
CA VAL B 200 10.04 -15.41 -3.00
C VAL B 200 9.67 -16.27 -1.80
N ALA B 201 9.25 -15.62 -0.73
CA ALA B 201 8.83 -16.32 0.47
C ALA B 201 7.34 -16.04 0.68
N HIS B 202 6.59 -17.08 1.03
CA HIS B 202 5.17 -16.96 1.28
C HIS B 202 4.86 -17.58 2.65
N PRO B 203 4.97 -16.78 3.72
CA PRO B 203 4.73 -17.21 5.09
C PRO B 203 3.52 -18.13 5.29
N ALA B 204 2.37 -17.73 4.76
CA ALA B 204 1.15 -18.52 4.90
C ALA B 204 1.34 -20.00 4.57
N SER B 205 2.07 -20.29 3.50
CA SER B 205 2.29 -21.67 3.08
C SER B 205 3.64 -22.17 3.56
N SER B 206 4.36 -21.34 4.30
CA SER B 206 5.68 -21.73 4.77
C SER B 206 6.44 -22.18 3.52
N THR B 207 6.38 -21.34 2.50
CA THR B 207 7.03 -21.65 1.24
C THR B 207 8.15 -20.67 0.93
N LYS B 208 9.13 -21.14 0.17
CA LYS B 208 10.25 -20.32 -0.27
C LYS B 208 10.67 -20.84 -1.63
N VAL B 209 10.71 -19.94 -2.61
CA VAL B 209 11.06 -20.28 -3.97
C VAL B 209 12.15 -19.36 -4.52
N ASP B 210 13.06 -19.94 -5.29
CA ASP B 210 14.14 -19.19 -5.90
C ASP B 210 14.11 -19.44 -7.41
N LYS B 211 14.14 -18.35 -8.18
CA LYS B 211 14.14 -18.46 -9.63
C LYS B 211 15.33 -17.72 -10.20
N LYS B 212 16.20 -18.46 -10.88
CA LYS B 212 17.39 -17.89 -11.48
C LYS B 212 16.89 -17.22 -12.74
N ILE B 213 17.36 -16.02 -13.02
CA ILE B 213 16.95 -15.32 -14.23
C ILE B 213 17.91 -15.73 -15.33
N VAL B 214 17.49 -16.69 -16.16
CA VAL B 214 18.29 -17.20 -17.26
C VAL B 214 17.93 -16.51 -18.56
N PRO B 215 18.95 -16.02 -19.29
CA PRO B 215 18.73 -15.34 -20.57
C PRO B 215 18.07 -16.24 -21.60
N ARG B 216 17.29 -15.64 -22.49
CA ARG B 216 16.58 -16.37 -23.53
C ARG B 216 17.51 -16.78 -24.67
#